data_6NRR
#
_entry.id   6NRR
#
_cell.length_a   85.364
_cell.length_b   85.364
_cell.length_c   103.584
_cell.angle_alpha   90.00
_cell.angle_beta   90.00
_cell.angle_gamma   90.00
#
_symmetry.space_group_name_H-M   'P 43 21 2'
#
loop_
_entity.id
_entity.type
_entity.pdbx_description
1 polymer 'Defective proboscis extension response 11, isoform B'
2 polymer 'Dpr-interacting protein gamma'
3 branched beta-D-mannopyranose-(1-4)-2-acetamido-2-deoxy-beta-D-glucopyranose-(1-4)-[alpha-L-fucopyranose-(1-6)]2-acetamido-2-deoxy-beta-D-glucopyranose
4 non-polymer 'SULFATE ION'
5 non-polymer GLYCEROL
6 water water
#
loop_
_entity_poly.entity_id
_entity_poly.type
_entity_poly.pdbx_seq_one_letter_code
_entity_poly.pdbx_strand_id
1 'polypeptide(L)'
;SRLVEPYLDGYATSNVTTQIGTHAYLPCRVKQLGNKSVSWIRLRDGHILTVDRAVFIADQRFLAIKQPDKYWTLQIKYVQ
ARDAGSYECQVSTEPKVSARVQLQVVVPHHHHHH
;
A
2 'polypeptide(L)'
;SRLDPDPEFIGFINNVTYPAGREAILACSVRNLGKNKVGWLRASDQTVLALQGRVVTHNARISVMHQDMHTWKLKISKLR
ESDRGCYMCQINTSPMKKQVGCIDVQVPPDIINEESSADLAVQEGEDATLTCKATGNPQPRVTWRREDGEMILIRKPGSR
ELMKVESYNGSSLRLLRLERRQMGAYLCIASNDVPPAVSKRVSLSVHHHHHHH
;
B
#
loop_
_chem_comp.id
_chem_comp.type
_chem_comp.name
_chem_comp.formula
BMA D-saccharide, beta linking beta-D-mannopyranose 'C6 H12 O6'
FUC L-saccharide, alpha linking alpha-L-fucopyranose 'C6 H12 O5'
GOL non-polymer GLYCEROL 'C3 H8 O3'
NAG D-saccharide, beta linking 2-acetamido-2-deoxy-beta-D-glucopyranose 'C8 H15 N O6'
SO4 non-polymer 'SULFATE ION' 'O4 S -2'
#
# COMPACT_ATOMS: atom_id res chain seq x y z
N ALA A 12 4.26 -24.74 10.86
CA ALA A 12 5.43 -25.39 11.44
C ALA A 12 6.25 -24.41 12.27
N THR A 13 7.58 -24.48 12.18
CA THR A 13 8.47 -23.67 12.99
C THR A 13 8.93 -22.42 12.26
N SER A 14 9.13 -21.35 13.01
CA SER A 14 9.65 -20.09 12.48
C SER A 14 11.10 -19.86 12.86
N ASN A 15 11.75 -20.83 13.50
CA ASN A 15 13.14 -20.73 13.93
C ASN A 15 13.89 -21.94 13.42
N VAL A 16 14.80 -21.73 12.46
CA VAL A 16 15.64 -22.79 11.91
C VAL A 16 17.09 -22.47 12.24
N THR A 17 17.77 -23.43 12.85
CA THR A 17 19.18 -23.32 13.17
C THR A 17 19.99 -24.24 12.26
N THR A 18 21.10 -23.73 11.75
CA THR A 18 21.93 -24.49 10.82
C THR A 18 23.39 -24.19 11.09
N GLN A 19 24.19 -25.24 11.22
CA GLN A 19 25.63 -25.07 11.31
C GLN A 19 26.18 -24.49 10.00
N ILE A 20 27.16 -23.58 10.11
CA ILE A 20 27.83 -23.05 8.94
C ILE A 20 28.33 -24.21 8.09
N GLY A 21 28.04 -24.16 6.79
CA GLY A 21 28.51 -25.16 5.85
C GLY A 21 27.54 -26.28 5.53
N THR A 22 26.44 -26.40 6.27
CA THR A 22 25.46 -27.44 6.04
C THR A 22 24.20 -26.84 5.40
N HIS A 23 23.39 -27.71 4.82
CA HIS A 23 22.19 -27.26 4.10
C HIS A 23 21.08 -26.90 5.08
N ALA A 24 20.46 -25.75 4.87
CA ALA A 24 19.30 -25.35 5.63
C ALA A 24 18.05 -25.60 4.79
N TYR A 25 16.98 -26.04 5.45
CA TYR A 25 15.69 -26.28 4.82
C TYR A 25 14.67 -25.41 5.54
N LEU A 26 14.25 -24.33 4.89
CA LEU A 26 13.34 -23.37 5.48
C LEU A 26 11.90 -23.73 5.14
N PRO A 27 11.05 -24.07 6.11
CA PRO A 27 9.68 -24.48 5.79
C PRO A 27 8.85 -23.27 5.37
N CYS A 28 8.11 -23.43 4.29
CA CYS A 28 7.04 -22.49 3.98
C CYS A 28 5.85 -22.85 4.86
N ARG A 29 5.59 -22.04 5.87
CA ARG A 29 4.56 -22.37 6.84
C ARG A 29 3.15 -22.00 6.38
N VAL A 30 3.00 -21.72 5.09
CA VAL A 30 1.71 -21.37 4.49
C VAL A 30 1.42 -22.39 3.40
N LYS A 31 0.16 -22.79 3.29
CA LYS A 31 -0.20 -23.80 2.31
C LYS A 31 -0.42 -23.16 0.94
N GLN A 32 0.06 -23.83 -0.11
CA GLN A 32 -0.23 -23.37 -1.46
C GLN A 32 -1.69 -23.62 -1.79
N LEU A 33 -2.35 -22.60 -2.32
CA LEU A 33 -3.79 -22.64 -2.61
C LEU A 33 -4.00 -22.73 -4.11
N GLY A 34 -4.68 -23.79 -4.54
CA GLY A 34 -5.05 -23.92 -5.93
C GLY A 34 -3.83 -23.87 -6.83
N ASN A 35 -3.88 -22.98 -7.82
CA ASN A 35 -2.82 -22.83 -8.81
C ASN A 35 -1.96 -21.59 -8.55
N LYS A 36 -2.05 -21.01 -7.35
CA LYS A 36 -1.27 -19.83 -7.02
C LYS A 36 0.19 -20.21 -6.83
N SER A 37 1.07 -19.24 -7.05
CA SER A 37 2.49 -19.48 -6.97
C SER A 37 2.99 -19.38 -5.52
N VAL A 38 4.13 -19.99 -5.27
CA VAL A 38 4.81 -19.94 -3.98
C VAL A 38 6.17 -19.29 -4.20
N SER A 39 6.43 -18.20 -3.50
CA SER A 39 7.62 -17.41 -3.71
C SER A 39 8.34 -17.16 -2.40
N TRP A 40 9.67 -17.14 -2.45
CA TRP A 40 10.49 -16.80 -1.29
C TRP A 40 11.17 -15.47 -1.53
N ILE A 41 11.18 -14.63 -0.50
CA ILE A 41 11.87 -13.35 -0.54
C ILE A 41 12.76 -13.24 0.70
N ARG A 42 13.85 -12.50 0.56
CA ARG A 42 14.73 -12.18 1.66
C ARG A 42 14.28 -10.85 2.23
N LEU A 43 14.01 -10.80 3.53
CA LEU A 43 13.33 -9.64 4.11
C LEU A 43 14.28 -8.45 4.29
N ARG A 44 15.57 -8.69 4.50
CA ARG A 44 16.47 -7.58 4.82
C ARG A 44 16.61 -6.61 3.65
N ASP A 45 16.56 -7.10 2.40
CA ASP A 45 16.70 -6.23 1.24
C ASP A 45 15.55 -6.35 0.25
N GLY A 46 14.51 -7.13 0.56
CA GLY A 46 13.45 -7.36 -0.39
C GLY A 46 13.84 -8.18 -1.61
N HIS A 47 15.00 -8.83 -1.58
CA HIS A 47 15.48 -9.56 -2.76
C HIS A 47 14.57 -10.74 -3.05
N ILE A 48 13.98 -10.75 -4.25
CA ILE A 48 13.23 -11.93 -4.70
C ILE A 48 14.19 -13.10 -4.84
N LEU A 49 13.83 -14.24 -4.24
CA LEU A 49 14.69 -15.41 -4.29
C LEU A 49 14.17 -16.46 -5.27
N THR A 50 12.97 -16.96 -5.05
CA THR A 50 12.39 -18.01 -5.87
C THR A 50 10.95 -17.66 -6.17
N VAL A 51 10.50 -18.05 -7.36
CA VAL A 51 9.09 -17.99 -7.74
C VAL A 51 8.74 -19.38 -8.26
N ASP A 52 7.89 -20.09 -7.52
CA ASP A 52 7.64 -21.51 -7.77
C ASP A 52 9.00 -22.22 -7.76
N ARG A 53 9.34 -23.00 -8.77
CA ARG A 53 10.65 -23.62 -8.79
C ARG A 53 11.71 -22.76 -9.46
N ALA A 54 11.33 -21.68 -10.12
CA ALA A 54 12.30 -20.79 -10.71
C ALA A 54 13.08 -20.07 -9.63
N VAL A 55 14.40 -20.07 -9.75
CA VAL A 55 15.28 -19.37 -8.83
C VAL A 55 15.69 -18.05 -9.48
N PHE A 56 15.31 -16.94 -8.85
CA PHE A 56 15.60 -15.62 -9.40
C PHE A 56 17.00 -15.17 -9.03
N ILE A 57 17.38 -15.32 -7.76
CA ILE A 57 18.66 -14.83 -7.28
C ILE A 57 19.78 -15.63 -7.94
N ALA A 58 20.89 -14.94 -8.24
CA ALA A 58 21.96 -15.59 -8.99
C ALA A 58 22.62 -16.70 -8.18
N ASP A 59 22.66 -16.55 -6.86
CA ASP A 59 23.20 -17.57 -5.96
C ASP A 59 22.48 -18.90 -6.11
N GLN A 60 23.18 -19.91 -6.58
CA GLN A 60 22.58 -21.20 -6.88
C GLN A 60 22.56 -22.14 -5.69
N ARG A 61 23.01 -21.69 -4.53
CA ARG A 61 22.74 -22.44 -3.31
C ARG A 61 21.27 -22.39 -2.92
N PHE A 62 20.49 -21.51 -3.53
CA PHE A 62 19.07 -21.37 -3.23
C PHE A 62 18.24 -22.28 -4.12
N LEU A 63 17.35 -23.06 -3.50
CA LEU A 63 16.51 -24.01 -4.24
C LEU A 63 15.14 -24.09 -3.59
N ALA A 64 14.10 -24.07 -4.39
CA ALA A 64 12.72 -24.21 -3.93
C ALA A 64 12.25 -25.64 -4.20
N ILE A 65 11.79 -26.31 -3.15
CA ILE A 65 11.32 -27.69 -3.23
C ILE A 65 9.80 -27.68 -3.09
N LYS A 66 9.13 -28.30 -4.07
CA LYS A 66 7.67 -28.38 -4.11
C LYS A 66 7.22 -29.71 -3.51
N GLN A 67 6.42 -29.66 -2.48
CA GLN A 67 6.00 -30.98 -2.03
C GLN A 67 4.59 -31.30 -2.53
N PRO A 68 4.27 -32.59 -2.65
CA PRO A 68 2.93 -32.96 -3.15
C PRO A 68 1.79 -32.48 -2.26
N ASP A 69 2.00 -32.33 -0.96
CA ASP A 69 0.95 -31.89 -0.05
C ASP A 69 0.85 -30.37 0.08
N LYS A 70 1.35 -29.62 -0.91
CA LYS A 70 1.21 -28.18 -1.06
C LYS A 70 2.04 -27.37 -0.07
N TYR A 71 2.93 -27.99 0.70
CA TYR A 71 3.80 -27.28 1.63
C TYR A 71 5.22 -27.26 1.06
N TRP A 72 5.71 -26.05 0.76
CA TRP A 72 6.98 -25.85 0.09
C TRP A 72 8.11 -25.64 1.08
N THR A 73 9.33 -25.71 0.55
CA THR A 73 10.56 -25.56 1.33
C THR A 73 11.57 -24.77 0.52
N LEU A 74 12.31 -23.89 1.18
CA LEU A 74 13.44 -23.19 0.58
C LEU A 74 14.72 -23.80 1.13
N GLN A 75 15.49 -24.44 0.26
CA GLN A 75 16.80 -24.97 0.62
C GLN A 75 17.87 -23.93 0.33
N ILE A 76 18.75 -23.70 1.30
CA ILE A 76 19.94 -22.88 1.11
C ILE A 76 21.13 -23.79 1.38
N LYS A 77 21.82 -24.20 0.32
CA LYS A 77 22.98 -25.06 0.49
C LYS A 77 24.13 -24.28 1.13
N TYR A 78 24.92 -24.99 1.95
CA TYR A 78 26.20 -24.50 2.48
C TYR A 78 26.03 -23.11 3.11
N VAL A 79 25.24 -23.10 4.18
CA VAL A 79 24.87 -21.84 4.81
C VAL A 79 26.10 -21.16 5.38
N GLN A 80 26.16 -19.84 5.19
CA GLN A 80 27.18 -19.00 5.78
C GLN A 80 26.51 -17.99 6.70
N ALA A 81 27.36 -17.32 7.51
CA ALA A 81 26.87 -16.32 8.45
C ALA A 81 25.98 -15.29 7.77
N ARG A 82 26.37 -14.86 6.57
CA ARG A 82 25.63 -13.82 5.86
C ARG A 82 24.21 -14.27 5.49
N ASP A 83 23.95 -15.58 5.44
CA ASP A 83 22.60 -16.06 5.15
C ASP A 83 21.63 -15.84 6.30
N ALA A 84 22.10 -15.69 7.54
CA ALA A 84 21.22 -15.46 8.67
C ALA A 84 20.32 -14.26 8.42
N GLY A 85 19.11 -14.32 8.96
CA GLY A 85 18.10 -13.29 8.81
C GLY A 85 16.75 -13.90 8.55
N SER A 86 15.77 -13.05 8.26
CA SER A 86 14.39 -13.47 8.08
C SER A 86 14.09 -13.71 6.61
N TYR A 87 13.37 -14.79 6.34
CA TYR A 87 12.88 -15.11 5.02
C TYR A 87 11.37 -15.22 5.09
N GLU A 88 10.70 -14.91 3.98
CA GLU A 88 9.24 -14.95 3.95
C GLU A 88 8.78 -15.79 2.77
N CYS A 89 7.92 -16.75 3.05
CA CYS A 89 7.21 -17.51 2.02
C CYS A 89 5.86 -16.84 1.78
N GLN A 90 5.49 -16.71 0.51
CA GLN A 90 4.22 -16.05 0.20
C GLN A 90 3.53 -16.73 -0.97
N VAL A 91 2.20 -16.91 -0.82
CA VAL A 91 1.35 -17.50 -1.84
C VAL A 91 0.63 -16.36 -2.56
N SER A 92 0.55 -16.46 -3.88
CA SER A 92 0.22 -15.31 -4.72
C SER A 92 -1.28 -15.03 -4.79
N THR A 93 -2.02 -15.31 -3.73
CA THR A 93 -3.33 -14.70 -3.60
C THR A 93 -3.18 -13.19 -3.52
N GLU A 94 -4.29 -12.49 -3.71
CA GLU A 94 -4.36 -11.06 -3.42
C GLU A 94 -5.51 -10.81 -2.46
N PRO A 95 -5.25 -10.39 -1.22
CA PRO A 95 -3.93 -10.14 -0.61
C PRO A 95 -3.15 -11.41 -0.36
N LYS A 96 -1.83 -11.28 -0.24
CA LYS A 96 -0.97 -12.45 -0.12
C LYS A 96 -1.22 -13.20 1.19
N VAL A 97 -0.90 -14.48 1.17
CA VAL A 97 -0.76 -15.30 2.37
C VAL A 97 0.72 -15.58 2.57
N SER A 98 1.26 -15.20 3.72
CA SER A 98 2.69 -15.21 3.93
C SER A 98 3.03 -15.65 5.35
N ALA A 99 4.27 -16.10 5.52
CA ALA A 99 4.81 -16.55 6.79
C ALA A 99 6.34 -16.40 6.76
N ARG A 100 6.90 -15.95 7.88
CA ARG A 100 8.32 -15.68 7.98
C ARG A 100 9.06 -16.84 8.63
N VAL A 101 10.37 -16.90 8.38
CA VAL A 101 11.25 -17.86 9.02
C VAL A 101 12.56 -17.17 9.36
N GLN A 102 12.95 -17.17 10.63
CA GLN A 102 14.27 -16.72 11.05
C GLN A 102 15.27 -17.85 10.89
N LEU A 103 16.28 -17.64 10.05
CA LEU A 103 17.37 -18.59 9.90
C LEU A 103 18.53 -18.17 10.80
N GLN A 104 18.90 -19.04 11.72
CA GLN A 104 20.00 -18.81 12.65
C GLN A 104 21.18 -19.69 12.26
N VAL A 105 22.36 -19.09 12.18
CA VAL A 105 23.57 -19.79 11.73
C VAL A 105 24.50 -19.95 12.92
N VAL A 106 25.00 -21.17 13.12
CA VAL A 106 25.87 -21.48 14.25
C VAL A 106 27.03 -22.35 13.77
N PRO B 5 27.43 -6.68 -21.33
CA PRO B 5 28.12 -6.92 -20.05
C PRO B 5 27.17 -6.83 -18.87
N ASP B 6 27.48 -5.95 -17.92
CA ASP B 6 26.64 -5.84 -16.73
C ASP B 6 25.42 -4.98 -17.04
N PRO B 7 24.21 -5.53 -16.93
CA PRO B 7 23.02 -4.73 -17.24
C PRO B 7 22.90 -3.53 -16.32
N GLU B 8 22.33 -2.46 -16.85
CA GLU B 8 22.14 -1.22 -16.11
C GLU B 8 20.83 -0.57 -16.54
N PHE B 9 20.42 0.42 -15.77
CA PHE B 9 19.14 1.08 -16.03
C PHE B 9 19.33 2.25 -16.98
N ILE B 10 18.34 2.45 -17.84
CA ILE B 10 18.27 3.61 -18.70
C ILE B 10 17.29 4.58 -18.06
N GLY B 11 17.79 5.69 -17.54
CA GLY B 11 16.95 6.62 -16.80
C GLY B 11 16.40 6.00 -15.52
N PHE B 12 15.46 6.72 -14.92
CA PHE B 12 14.78 6.29 -13.69
C PHE B 12 13.30 6.10 -13.97
N ILE B 13 12.67 5.21 -13.20
CA ILE B 13 11.24 5.00 -13.36
C ILE B 13 10.48 6.28 -13.01
N ASN B 14 9.64 6.72 -13.94
CA ASN B 14 8.81 7.89 -13.71
C ASN B 14 7.68 7.57 -12.74
N ASN B 15 7.43 8.49 -11.83
CA ASN B 15 6.44 8.33 -10.78
C ASN B 15 5.14 9.00 -11.16
N VAL B 16 4.01 8.39 -10.78
CA VAL B 16 2.71 8.73 -11.35
C VAL B 16 1.72 9.09 -10.25
N THR B 17 0.82 10.02 -10.56
CA THR B 17 -0.27 10.40 -9.68
C THR B 17 -1.57 10.35 -10.47
N TYR B 18 -2.50 9.50 -10.05
CA TYR B 18 -3.78 9.33 -10.72
C TYR B 18 -4.90 9.30 -9.69
N PRO B 19 -6.08 9.78 -10.05
CA PRO B 19 -7.27 9.44 -9.27
C PRO B 19 -7.53 7.95 -9.31
N ALA B 20 -8.25 7.46 -8.30
CA ALA B 20 -8.68 6.07 -8.31
C ALA B 20 -9.59 5.79 -9.49
N GLY B 21 -9.47 4.59 -10.07
CA GLY B 21 -10.17 4.24 -11.28
C GLY B 21 -9.35 4.33 -12.55
N ARG B 22 -8.28 5.13 -12.56
CA ARG B 22 -7.42 5.23 -13.73
C ARG B 22 -6.45 4.06 -13.77
N GLU B 23 -5.62 4.04 -14.81
CA GLU B 23 -4.64 2.98 -15.03
C GLU B 23 -3.24 3.55 -14.91
N ALA B 24 -2.39 2.87 -14.13
CA ALA B 24 -1.02 3.30 -13.92
C ALA B 24 -0.06 2.36 -14.65
N ILE B 25 0.96 2.93 -15.28
CA ILE B 25 1.99 2.15 -15.96
C ILE B 25 3.36 2.61 -15.48
N LEU B 26 4.18 1.67 -15.01
CA LEU B 26 5.55 1.94 -14.60
C LEU B 26 6.52 1.21 -15.53
N ALA B 27 7.41 1.97 -16.17
CA ALA B 27 8.36 1.41 -17.14
C ALA B 27 9.73 1.29 -16.51
N CYS B 28 10.29 0.09 -16.56
CA CYS B 28 11.65 -0.16 -16.07
C CYS B 28 12.52 -0.56 -17.26
N SER B 29 13.47 0.32 -17.61
CA SER B 29 14.30 0.15 -18.81
C SER B 29 15.70 -0.34 -18.43
N VAL B 30 16.17 -1.38 -19.12
CA VAL B 30 17.46 -1.99 -18.83
C VAL B 30 18.21 -2.23 -20.14
N ARG B 31 19.49 -1.89 -20.15
CA ARG B 31 20.37 -2.17 -21.28
C ARG B 31 21.22 -3.40 -20.97
N ASN B 32 21.51 -4.19 -22.00
CA ASN B 32 22.36 -5.38 -21.89
C ASN B 32 21.89 -6.31 -20.77
N LEU B 33 20.58 -6.55 -20.73
CA LEU B 33 20.04 -7.48 -19.73
C LEU B 33 20.73 -8.85 -19.82
N GLY B 34 21.09 -9.27 -21.02
CA GLY B 34 21.74 -10.56 -21.18
C GLY B 34 20.86 -11.68 -20.64
N LYS B 35 21.50 -12.63 -19.95
CA LYS B 35 20.79 -13.76 -19.37
C LYS B 35 20.09 -13.41 -18.05
N ASN B 36 20.29 -12.20 -17.53
CA ASN B 36 19.65 -11.81 -16.28
C ASN B 36 18.15 -11.67 -16.45
N LYS B 37 17.46 -11.38 -15.35
CA LYS B 37 16.01 -11.32 -15.35
C LYS B 37 15.54 -10.14 -14.52
N VAL B 38 14.31 -9.71 -14.80
CA VAL B 38 13.69 -8.55 -14.16
C VAL B 38 12.45 -9.01 -13.39
N GLY B 39 12.40 -8.71 -12.10
CA GLY B 39 11.25 -9.00 -11.27
C GLY B 39 10.68 -7.73 -10.66
N TRP B 40 9.39 -7.78 -10.34
CA TRP B 40 8.70 -6.65 -9.73
C TRP B 40 8.24 -7.01 -8.32
N LEU B 41 8.37 -6.05 -7.41
CA LEU B 41 7.98 -6.24 -6.01
C LEU B 41 7.23 -4.99 -5.56
N ARG B 42 6.00 -5.17 -5.07
CA ARG B 42 5.28 -4.06 -4.45
C ARG B 42 5.85 -3.82 -3.06
N ALA B 43 6.36 -2.62 -2.82
CA ALA B 43 7.17 -2.37 -1.63
C ALA B 43 6.34 -2.24 -0.36
N SER B 44 5.11 -1.74 -0.46
CA SER B 44 4.31 -1.50 0.74
C SER B 44 4.10 -2.78 1.53
N ASP B 45 3.77 -3.88 0.84
CA ASP B 45 3.52 -5.15 1.51
C ASP B 45 4.42 -6.27 0.99
N GLN B 46 5.57 -5.89 0.41
CA GLN B 46 6.60 -6.80 -0.07
C GLN B 46 6.01 -8.03 -0.76
N THR B 47 5.21 -7.74 -1.76
CA THR B 47 4.49 -8.75 -2.52
C THR B 47 5.14 -8.90 -3.89
N VAL B 48 5.48 -10.14 -4.24
CA VAL B 48 5.98 -10.42 -5.58
C VAL B 48 4.83 -10.24 -6.56
N LEU B 49 5.04 -9.37 -7.55
CA LEU B 49 4.05 -9.08 -8.59
C LEU B 49 4.30 -9.85 -9.87
N ALA B 50 5.53 -9.81 -10.40
CA ALA B 50 5.82 -10.46 -11.66
C ALA B 50 7.27 -10.89 -11.73
N LEU B 51 7.53 -11.80 -12.64
CA LEU B 51 8.87 -12.26 -12.97
C LEU B 51 8.96 -12.39 -14.48
N GLN B 52 9.85 -11.60 -15.09
CA GLN B 52 10.01 -11.54 -16.55
C GLN B 52 8.66 -11.13 -17.13
N GLY B 53 8.19 -11.77 -18.20
CA GLY B 53 6.91 -11.47 -18.79
C GLY B 53 5.71 -12.16 -18.15
N ARG B 54 5.86 -12.79 -16.99
CA ARG B 54 4.75 -13.51 -16.37
C ARG B 54 4.35 -12.83 -15.07
N VAL B 55 3.03 -12.70 -14.88
CA VAL B 55 2.47 -12.10 -13.67
C VAL B 55 2.34 -13.16 -12.60
N VAL B 56 2.80 -12.84 -11.39
CA VAL B 56 2.73 -13.80 -10.28
C VAL B 56 1.44 -13.63 -9.49
N THR B 57 1.13 -12.39 -9.09
CA THR B 57 -0.06 -12.13 -8.31
C THR B 57 -1.31 -12.51 -9.08
N HIS B 58 -2.29 -13.06 -8.39
CA HIS B 58 -3.56 -13.35 -9.03
C HIS B 58 -4.47 -12.13 -9.05
N ASN B 59 -4.01 -10.99 -8.54
CA ASN B 59 -4.66 -9.72 -8.79
C ASN B 59 -4.85 -9.54 -10.30
N ALA B 60 -6.10 -9.60 -10.74
CA ALA B 60 -6.39 -9.56 -12.17
C ALA B 60 -6.22 -8.17 -12.76
N ARG B 61 -6.12 -7.13 -11.92
CA ARG B 61 -5.90 -5.78 -12.40
C ARG B 61 -4.45 -5.49 -12.75
N ILE B 62 -3.52 -6.36 -12.35
CA ILE B 62 -2.09 -6.14 -12.55
C ILE B 62 -1.57 -7.05 -13.66
N SER B 63 -0.70 -6.49 -14.51
CA SER B 63 -0.13 -7.24 -15.62
C SER B 63 1.25 -6.68 -15.95
N VAL B 64 1.98 -7.40 -16.82
CA VAL B 64 3.29 -6.95 -17.29
C VAL B 64 3.34 -7.10 -18.80
N MET B 65 4.12 -6.21 -19.42
CA MET B 65 4.23 -6.14 -20.86
C MET B 65 5.69 -5.91 -21.23
N HIS B 66 6.11 -6.46 -22.37
CA HIS B 66 7.50 -6.36 -22.80
C HIS B 66 7.54 -6.35 -24.32
N GLN B 67 7.88 -5.20 -24.90
CA GLN B 67 8.04 -5.09 -26.34
C GLN B 67 9.50 -4.84 -26.68
N ASP B 68 9.94 -3.59 -26.55
CA ASP B 68 11.37 -3.30 -26.69
C ASP B 68 12.13 -4.11 -25.66
N MET B 69 13.18 -4.82 -26.10
CA MET B 69 13.92 -5.70 -25.20
C MET B 69 14.44 -4.95 -23.97
N HIS B 70 14.46 -3.62 -24.02
CA HIS B 70 15.00 -2.83 -22.91
C HIS B 70 13.95 -2.41 -21.88
N THR B 71 12.68 -2.30 -22.26
CA THR B 71 11.66 -1.72 -21.38
C THR B 71 10.74 -2.80 -20.82
N TRP B 72 10.67 -2.87 -19.49
CA TRP B 72 9.80 -3.81 -18.79
C TRP B 72 8.71 -3.01 -18.07
N LYS B 73 7.45 -3.30 -18.42
CA LYS B 73 6.32 -2.48 -18.00
C LYS B 73 5.46 -3.21 -16.97
N LEU B 74 5.08 -2.49 -15.92
CA LEU B 74 4.09 -2.95 -14.95
C LEU B 74 2.84 -2.09 -15.10
N LYS B 75 1.69 -2.74 -15.29
CA LYS B 75 0.42 -2.05 -15.51
C LYS B 75 -0.57 -2.42 -14.41
N ILE B 76 -1.14 -1.41 -13.76
CA ILE B 76 -2.16 -1.60 -12.74
C ILE B 76 -3.42 -0.89 -13.23
N SER B 77 -4.43 -1.66 -13.62
CA SER B 77 -5.69 -1.09 -14.09
C SER B 77 -6.59 -0.77 -12.90
N LYS B 78 -7.52 0.16 -13.15
CA LYS B 78 -8.54 0.55 -12.16
C LYS B 78 -7.92 0.70 -10.78
N LEU B 79 -7.07 1.73 -10.67
CA LEU B 79 -6.29 1.94 -9.46
C LEU B 79 -7.19 2.09 -8.24
N ARG B 80 -6.86 1.35 -7.19
N ARG B 80 -6.84 1.35 -7.19
CA ARG B 80 -7.48 1.47 -5.88
CA ARG B 80 -7.47 1.46 -5.88
C ARG B 80 -6.51 2.16 -4.94
C ARG B 80 -6.50 2.16 -4.95
N GLU B 81 -7.05 2.80 -3.91
CA GLU B 81 -6.19 3.56 -2.99
C GLU B 81 -5.14 2.68 -2.33
N SER B 82 -5.44 1.39 -2.14
CA SER B 82 -4.44 0.49 -1.58
C SER B 82 -3.30 0.16 -2.55
N ASP B 83 -3.43 0.51 -3.83
CA ASP B 83 -2.34 0.38 -4.78
C ASP B 83 -1.27 1.45 -4.59
N ARG B 84 -1.59 2.52 -3.87
CA ARG B 84 -0.64 3.59 -3.62
C ARG B 84 0.64 3.05 -2.99
N GLY B 85 1.77 3.62 -3.38
CA GLY B 85 3.04 3.21 -2.85
C GLY B 85 4.06 3.06 -3.95
N CYS B 86 5.19 2.43 -3.61
CA CYS B 86 6.32 2.31 -4.50
C CYS B 86 6.47 0.86 -4.96
N TYR B 87 7.10 0.71 -6.12
CA TYR B 87 7.19 -0.57 -6.80
C TYR B 87 8.62 -0.79 -7.25
N MET B 88 9.20 -1.91 -6.84
CA MET B 88 10.61 -2.18 -7.05
C MET B 88 10.82 -3.08 -8.27
N CYS B 89 11.61 -2.59 -9.22
CA CYS B 89 12.07 -3.36 -10.36
C CYS B 89 13.45 -3.90 -10.01
N GLN B 90 13.57 -5.23 -9.89
CA GLN B 90 14.80 -5.89 -9.47
C GLN B 90 15.46 -6.59 -10.65
N ILE B 91 16.76 -6.39 -10.81
CA ILE B 91 17.57 -7.14 -11.77
C ILE B 91 18.40 -8.13 -10.98
N ASN B 92 18.33 -9.41 -11.35
CA ASN B 92 19.03 -10.44 -10.57
C ASN B 92 20.53 -10.48 -10.83
N THR B 93 21.17 -9.33 -11.01
CA THR B 93 22.61 -9.25 -10.95
C THR B 93 23.09 -9.52 -9.52
N SER B 94 24.40 -9.74 -9.39
CA SER B 94 24.99 -9.95 -8.08
C SER B 94 26.09 -8.91 -7.86
N PRO B 95 25.94 -7.98 -6.92
CA PRO B 95 24.74 -7.78 -6.10
C PRO B 95 23.54 -7.30 -6.90
N MET B 96 22.35 -7.42 -6.31
CA MET B 96 21.14 -7.05 -7.02
C MET B 96 21.12 -5.57 -7.37
N LYS B 97 20.54 -5.26 -8.53
CA LYS B 97 20.26 -3.88 -8.93
C LYS B 97 18.76 -3.65 -8.88
N LYS B 98 18.36 -2.44 -8.52
CA LYS B 98 16.94 -2.17 -8.38
C LYS B 98 16.66 -0.70 -8.65
N GLN B 99 15.44 -0.46 -9.12
CA GLN B 99 14.86 0.87 -9.22
C GLN B 99 13.46 0.81 -8.61
N VAL B 100 12.94 1.97 -8.25
CA VAL B 100 11.61 2.01 -7.62
C VAL B 100 10.76 3.05 -8.32
N GLY B 101 9.54 2.66 -8.67
CA GLY B 101 8.53 3.59 -9.18
C GLY B 101 7.36 3.67 -8.21
N CYS B 102 6.83 4.87 -8.04
CA CYS B 102 5.84 5.12 -7.01
C CYS B 102 4.55 5.65 -7.62
N ILE B 103 3.42 5.19 -7.05
CA ILE B 103 2.09 5.54 -7.51
C ILE B 103 1.38 6.28 -6.39
N ASP B 104 0.96 7.51 -6.65
CA ASP B 104 0.10 8.25 -5.73
C ASP B 104 -1.33 8.16 -6.27
N VAL B 105 -2.19 7.46 -5.54
CA VAL B 105 -3.59 7.27 -5.92
C VAL B 105 -4.41 8.29 -5.15
N GLN B 106 -4.89 9.32 -5.85
CA GLN B 106 -5.71 10.33 -5.23
C GLN B 106 -7.16 9.87 -5.11
N VAL B 107 -7.81 10.25 -4.01
CA VAL B 107 -9.19 9.88 -3.75
C VAL B 107 -9.95 11.15 -3.35
N PRO B 108 -11.06 11.46 -4.00
CA PRO B 108 -11.78 12.70 -3.69
C PRO B 108 -12.55 12.57 -2.38
N PRO B 109 -12.86 13.68 -1.73
CA PRO B 109 -13.36 13.62 -0.35
C PRO B 109 -14.74 13.01 -0.27
N ASP B 110 -15.00 12.38 0.89
CA ASP B 110 -16.29 11.77 1.17
C ASP B 110 -16.55 11.88 2.66
N ILE B 111 -17.68 12.46 3.04
CA ILE B 111 -18.07 12.60 4.44
C ILE B 111 -18.90 11.40 4.85
N ILE B 112 -18.51 10.78 5.96
CA ILE B 112 -19.16 9.55 6.44
C ILE B 112 -20.28 9.94 7.39
N ASN B 113 -21.52 9.68 6.98
CA ASN B 113 -22.66 10.12 7.77
C ASN B 113 -22.74 9.42 9.12
N GLU B 114 -22.34 8.15 9.19
CA GLU B 114 -22.39 7.42 10.46
C GLU B 114 -21.54 8.09 11.52
N GLU B 115 -20.33 8.50 11.16
CA GLU B 115 -19.40 9.12 12.09
C GLU B 115 -19.51 10.65 12.09
N SER B 116 -20.60 11.21 11.56
CA SER B 116 -20.78 12.65 11.46
C SER B 116 -22.11 13.07 12.07
N SER B 117 -22.15 14.31 12.55
CA SER B 117 -23.32 14.81 13.26
C SER B 117 -24.57 14.83 12.37
N ALA B 118 -25.65 14.29 12.89
CA ALA B 118 -27.00 14.52 12.37
C ALA B 118 -27.58 15.78 13.01
N ASP B 119 -28.74 16.20 12.51
CA ASP B 119 -29.49 17.28 13.12
C ASP B 119 -29.66 17.05 14.62
N LEU B 120 -29.35 18.07 15.41
CA LEU B 120 -29.33 17.91 16.85
C LEU B 120 -29.98 19.12 17.51
N ALA B 121 -30.44 18.91 18.74
CA ALA B 121 -31.04 19.97 19.54
C ALA B 121 -30.35 20.07 20.89
N VAL B 122 -30.23 21.29 21.38
CA VAL B 122 -29.55 21.56 22.63
C VAL B 122 -30.37 22.57 23.42
N GLN B 123 -30.33 22.46 24.75
CA GLN B 123 -30.92 23.51 25.56
C GLN B 123 -29.99 24.71 25.59
N GLU B 124 -30.59 25.89 25.72
CA GLU B 124 -29.82 27.13 25.70
C GLU B 124 -28.79 27.16 26.82
N GLY B 125 -27.58 27.60 26.50
CA GLY B 125 -26.50 27.63 27.45
C GLY B 125 -25.74 26.35 27.60
N GLU B 126 -26.19 25.26 26.98
CA GLU B 126 -25.47 24.00 27.00
C GLU B 126 -24.38 23.98 25.91
N ASP B 127 -23.64 22.88 25.84
CA ASP B 127 -22.60 22.72 24.83
C ASP B 127 -23.13 21.86 23.69
N ALA B 128 -22.54 22.04 22.51
CA ALA B 128 -22.90 21.24 21.34
C ALA B 128 -21.72 21.18 20.40
N THR B 129 -21.26 19.98 20.08
CA THR B 129 -20.14 19.77 19.17
C THR B 129 -20.67 19.16 17.87
N LEU B 130 -20.45 19.88 16.77
CA LEU B 130 -20.72 19.33 15.44
C LEU B 130 -19.44 18.71 14.90
N THR B 131 -19.59 17.58 14.22
CA THR B 131 -18.42 16.84 13.77
C THR B 131 -18.70 16.20 12.41
N CYS B 132 -17.76 16.36 11.48
CA CYS B 132 -17.80 15.70 10.19
C CYS B 132 -16.49 14.95 10.00
N LYS B 133 -16.54 13.62 10.02
CA LYS B 133 -15.37 12.82 9.69
C LYS B 133 -15.32 12.58 8.19
N ALA B 134 -14.15 12.80 7.60
CA ALA B 134 -13.99 12.78 6.15
C ALA B 134 -12.85 11.85 5.76
N THR B 135 -13.00 11.22 4.59
CA THR B 135 -11.97 10.37 4.02
C THR B 135 -11.56 10.90 2.67
N GLY B 136 -10.35 10.57 2.26
CA GLY B 136 -9.82 10.99 0.98
C GLY B 136 -8.32 10.99 1.01
N ASN B 137 -7.75 11.08 -0.20
CA ASN B 137 -6.29 11.15 -0.36
C ASN B 137 -5.98 12.26 -1.37
N PRO B 138 -5.33 13.36 -0.97
CA PRO B 138 -4.81 13.67 0.38
C PRO B 138 -5.91 13.79 1.41
N GLN B 139 -5.57 13.69 2.69
CA GLN B 139 -6.57 13.76 3.75
C GLN B 139 -7.32 15.09 3.66
N PRO B 140 -8.65 15.06 3.52
CA PRO B 140 -9.37 16.30 3.21
C PRO B 140 -9.42 17.25 4.40
N ARG B 141 -9.25 18.53 4.11
CA ARG B 141 -9.53 19.57 5.10
C ARG B 141 -11.03 19.65 5.35
N VAL B 142 -11.41 20.07 6.55
CA VAL B 142 -12.81 20.22 6.91
C VAL B 142 -13.01 21.65 7.40
N THR B 143 -13.96 22.35 6.78
CA THR B 143 -14.26 23.74 7.13
C THR B 143 -15.71 23.87 7.54
N TRP B 144 -15.95 24.53 8.66
CA TRP B 144 -17.30 24.75 9.19
C TRP B 144 -17.72 26.20 8.95
N ARG B 145 -18.88 26.39 8.35
CA ARG B 145 -19.43 27.73 8.20
C ARG B 145 -20.96 27.65 8.27
N ARG B 146 -21.58 28.80 8.56
CA ARG B 146 -23.03 28.88 8.68
C ARG B 146 -23.66 29.16 7.32
N GLU B 147 -24.66 28.36 6.97
CA GLU B 147 -25.33 28.50 5.68
C GLU B 147 -25.80 29.93 5.43
N ASP B 148 -26.36 30.58 6.45
CA ASP B 148 -26.86 31.94 6.24
C ASP B 148 -25.74 32.97 6.13
N GLY B 149 -24.50 32.60 6.45
CA GLY B 149 -23.38 33.50 6.32
C GLY B 149 -22.99 34.25 7.58
N GLU B 150 -23.73 34.09 8.67
CA GLU B 150 -23.34 34.67 9.93
C GLU B 150 -22.07 34.02 10.44
N MET B 151 -21.30 34.77 11.22
CA MET B 151 -20.05 34.25 11.76
C MET B 151 -20.33 33.26 12.88
N ILE B 152 -19.52 32.21 12.94
CA ILE B 152 -19.60 31.27 14.05
C ILE B 152 -18.87 31.86 15.25
N LEU B 153 -19.31 31.46 16.44
CA LEU B 153 -18.76 31.98 17.69
C LEU B 153 -17.96 30.87 18.38
N ILE B 154 -16.64 31.08 18.49
CA ILE B 154 -15.74 30.17 19.19
C ILE B 154 -14.74 31.04 19.97
N ARG B 155 -14.07 30.41 20.94
CA ARG B 155 -13.15 31.12 21.83
C ARG B 155 -12.15 31.97 21.05
N LYS B 156 -11.82 33.14 21.62
CA LYS B 156 -10.91 34.08 20.98
C LYS B 156 -9.47 33.63 21.09
N LEU B 162 -15.11 34.10 23.74
CA LEU B 162 -15.53 33.72 22.40
C LEU B 162 -15.27 34.85 21.40
N MET B 163 -15.19 34.49 20.11
CA MET B 163 -14.95 35.48 19.06
C MET B 163 -15.63 35.02 17.77
N LYS B 164 -15.83 35.97 16.87
CA LYS B 164 -16.61 35.75 15.65
C LYS B 164 -15.66 35.45 14.49
N VAL B 165 -15.76 34.24 13.96
CA VAL B 165 -15.08 33.83 12.74
C VAL B 165 -16.14 33.36 11.75
N GLU B 166 -15.95 33.67 10.47
CA GLU B 166 -16.88 33.21 9.46
C GLU B 166 -16.53 31.82 8.94
N SER B 167 -15.47 31.22 9.47
CA SER B 167 -15.06 29.87 9.05
C SER B 167 -14.16 29.29 10.13
N TYR B 168 -14.30 27.99 10.36
CA TYR B 168 -13.43 27.25 11.26
C TYR B 168 -12.92 26.02 10.54
N ASN B 169 -11.61 25.81 10.57
CA ASN B 169 -10.99 24.64 9.98
C ASN B 169 -10.73 23.62 11.09
N GLY B 170 -11.33 22.46 10.94
CA GLY B 170 -11.26 21.38 11.91
C GLY B 170 -12.47 20.50 11.71
N SER B 171 -12.33 19.23 12.10
CA SER B 171 -13.44 18.29 11.96
C SER B 171 -14.54 18.57 12.97
N SER B 172 -14.17 18.86 14.21
CA SER B 172 -15.13 19.05 15.30
C SER B 172 -15.29 20.53 15.60
N LEU B 173 -16.44 21.09 15.22
CA LEU B 173 -16.81 22.44 15.63
C LEU B 173 -17.39 22.34 17.03
N ARG B 174 -16.68 22.89 18.01
CA ARG B 174 -17.07 22.81 19.42
C ARG B 174 -17.73 24.11 19.83
N LEU B 175 -19.04 24.06 20.05
CA LEU B 175 -19.83 25.19 20.51
C LEU B 175 -20.22 24.95 21.96
N LEU B 176 -20.08 25.98 22.78
CA LEU B 176 -20.38 25.89 24.20
C LEU B 176 -21.09 27.16 24.65
N ARG B 177 -21.91 27.04 25.70
CA ARG B 177 -22.71 28.15 26.21
C ARG B 177 -23.56 28.76 25.09
N LEU B 178 -24.39 27.92 24.50
CA LEU B 178 -25.11 28.31 23.28
C LEU B 178 -26.26 29.26 23.59
N GLU B 179 -26.36 30.31 22.79
CA GLU B 179 -27.48 31.24 22.86
C GLU B 179 -28.38 31.07 21.65
N ARG B 180 -29.56 31.70 21.72
CA ARG B 180 -30.61 31.43 20.75
C ARG B 180 -30.20 31.84 19.34
N ARG B 181 -29.37 32.88 19.19
CA ARG B 181 -28.97 33.37 17.87
C ARG B 181 -28.26 32.29 17.05
N GLN B 182 -27.65 31.32 17.71
CA GLN B 182 -26.80 30.36 17.03
C GLN B 182 -27.55 29.19 16.43
N MET B 183 -28.88 29.20 16.47
CA MET B 183 -29.65 28.12 15.87
C MET B 183 -29.63 28.27 14.35
N GLY B 184 -29.79 27.14 13.67
CA GLY B 184 -29.83 27.19 12.23
C GLY B 184 -28.85 26.20 11.61
N ALA B 185 -28.58 26.40 10.33
CA ALA B 185 -27.92 25.40 9.51
C ALA B 185 -26.42 25.67 9.45
N TYR B 186 -25.64 24.63 9.75
CA TYR B 186 -24.19 24.68 9.62
C TYR B 186 -23.74 23.76 8.49
N LEU B 187 -22.82 24.25 7.68
CA LEU B 187 -22.19 23.45 6.63
C LEU B 187 -20.80 23.02 7.08
N CYS B 188 -20.48 21.74 6.89
CA CYS B 188 -19.11 21.29 6.91
C CYS B 188 -18.73 20.95 5.48
N ILE B 189 -17.65 21.56 4.99
CA ILE B 189 -17.15 21.32 3.64
C ILE B 189 -15.86 20.54 3.74
N ALA B 190 -15.76 19.44 2.99
CA ALA B 190 -14.57 18.61 2.94
C ALA B 190 -13.97 18.67 1.54
N SER B 191 -12.70 19.07 1.47
CA SER B 191 -12.00 19.23 0.20
C SER B 191 -10.54 18.80 0.36
N ASN B 192 -9.98 18.29 -0.74
CA ASN B 192 -8.56 17.93 -0.75
C ASN B 192 -7.90 18.27 -2.09
N ASP B 193 -8.46 19.22 -2.83
CA ASP B 193 -8.05 19.62 -4.17
C ASP B 193 -8.28 18.53 -5.21
N VAL B 194 -8.89 17.41 -4.83
CA VAL B 194 -9.32 16.39 -5.78
C VAL B 194 -10.82 16.53 -5.95
N PRO B 195 -11.31 16.88 -7.14
CA PRO B 195 -12.74 17.22 -7.31
C PRO B 195 -13.61 15.97 -7.29
N PRO B 196 -14.84 16.06 -6.77
CA PRO B 196 -15.43 17.28 -6.20
C PRO B 196 -15.36 17.34 -4.68
N ALA B 197 -15.24 18.55 -4.14
CA ALA B 197 -15.46 18.74 -2.71
C ALA B 197 -16.90 18.34 -2.36
N VAL B 198 -17.11 17.97 -1.11
CA VAL B 198 -18.44 17.60 -0.64
C VAL B 198 -18.77 18.37 0.62
N SER B 199 -20.06 18.39 0.96
CA SER B 199 -20.48 19.08 2.18
C SER B 199 -21.63 18.33 2.81
N LYS B 200 -21.73 18.44 4.13
CA LYS B 200 -22.87 17.95 4.88
C LYS B 200 -23.57 19.12 5.56
N ARG B 201 -24.90 19.09 5.55
CA ARG B 201 -25.73 20.13 6.14
C ARG B 201 -26.28 19.63 7.47
N VAL B 202 -25.84 20.23 8.57
CA VAL B 202 -26.30 19.83 9.90
C VAL B 202 -27.01 21.02 10.55
N SER B 203 -28.20 20.76 11.08
CA SER B 203 -29.08 21.80 11.62
C SER B 203 -29.09 21.72 13.14
N LEU B 204 -28.90 22.87 13.79
CA LEU B 204 -28.83 22.97 15.24
C LEU B 204 -30.03 23.77 15.75
N SER B 205 -30.83 23.13 16.60
CA SER B 205 -31.92 23.80 17.30
C SER B 205 -31.55 24.01 18.76
N VAL B 206 -31.89 25.18 19.29
CA VAL B 206 -31.57 25.53 20.67
C VAL B 206 -32.87 25.90 21.37
N HIS B 207 -33.26 25.08 22.34
CA HIS B 207 -34.47 25.29 23.13
C HIS B 207 -34.19 26.27 24.27
N HIS B 208 -35.26 26.89 24.77
CA HIS B 208 -35.13 27.90 25.84
C HIS B 208 -34.44 27.35 27.08
C1 NAG C . 10.70 8.36 -8.84
C2 NAG C . 11.87 9.10 -9.49
C3 NAG C . 13.20 8.45 -9.09
C4 NAG C . 13.30 8.36 -7.57
C5 NAG C . 12.08 7.63 -7.01
C6 NAG C . 12.07 7.59 -5.50
C7 NAG C . 11.98 10.21 -11.68
C8 NAG C . 11.81 10.06 -13.16
N2 NAG C . 11.75 9.12 -10.94
O3 NAG C . 14.28 9.23 -9.62
O4 NAG C . 14.48 7.64 -7.21
O5 NAG C . 10.89 8.31 -7.42
O6 NAG C . 12.11 8.89 -4.92
O7 NAG C . 12.30 11.28 -11.17
C1 NAG C . 15.54 8.29 -6.61
C2 NAG C . 16.41 7.15 -6.10
C3 NAG C . 17.82 7.66 -5.79
C4 NAG C . 18.40 8.40 -6.99
C5 NAG C . 17.43 9.49 -7.45
C6 NAG C . 17.88 10.19 -8.72
C7 NAG C . 15.25 5.32 -4.93
C8 NAG C . 14.69 4.85 -3.62
N2 NAG C . 15.82 6.54 -4.92
O3 NAG C . 18.65 6.56 -5.46
O4 NAG C . 19.65 9.00 -6.64
O5 NAG C . 16.15 8.90 -7.75
O6 NAG C . 17.68 11.60 -8.64
O7 NAG C . 15.18 4.65 -5.96
C1 BMA C . 20.78 8.54 -7.28
C2 BMA C . 22.04 9.39 -7.03
C3 BMA C . 23.14 9.04 -8.05
C4 BMA C . 23.30 7.51 -8.27
C5 BMA C . 21.92 6.87 -8.55
C6 BMA C . 22.00 5.36 -8.73
O2 BMA C . 22.56 9.14 -5.73
O3 BMA C . 24.41 9.61 -7.68
O4 BMA C . 24.17 7.26 -9.36
O5 BMA C . 21.07 7.16 -7.43
O6 BMA C . 20.68 4.83 -8.76
C1 FUC C . 12.31 8.95 -3.57
C2 FUC C . 12.04 10.35 -3.09
C3 FUC C . 10.54 10.64 -3.15
C4 FUC C . 9.78 9.63 -2.25
C5 FUC C . 10.18 8.19 -2.59
C6 FUC C . 9.78 7.19 -1.52
O2 FUC C . 12.76 11.34 -3.80
O3 FUC C . 10.28 11.94 -2.68
O4 FUC C . 10.05 9.90 -0.89
O5 FUC C . 11.63 8.00 -2.79
S SO4 D . 26.48 -8.91 1.33
O1 SO4 D . 26.40 -7.57 0.77
O2 SO4 D . 27.84 -9.41 1.17
O3 SO4 D . 26.13 -8.88 2.74
O4 SO4 D . 25.58 -9.80 0.59
S SO4 E . 23.92 -31.54 -3.42
O1 SO4 E . 24.82 -32.68 -3.26
O2 SO4 E . 24.70 -30.35 -3.76
O3 SO4 E . 23.20 -31.31 -2.17
O4 SO4 E . 22.95 -31.83 -4.48
S SO4 F . -9.57 -17.33 -5.00
O1 SO4 F . -9.05 -16.37 -5.97
O2 SO4 F . -8.51 -18.25 -4.61
O3 SO4 F . -10.66 -18.08 -5.60
O4 SO4 F . -10.03 -16.60 -3.83
C1 GOL G . 22.59 -10.80 -5.65
O1 GOL G . 21.32 -10.78 -6.24
C2 GOL G . 22.39 -10.89 -4.12
O2 GOL G . 22.21 -9.61 -3.55
C3 GOL G . 23.67 -11.61 -3.64
O3 GOL G . 23.77 -11.35 -2.30
S SO4 H . 0.86 0.90 -23.46
O1 SO4 H . 0.97 0.98 -24.91
O2 SO4 H . 2.20 0.96 -22.88
O3 SO4 H . 0.05 2.02 -22.95
O4 SO4 H . 0.20 -0.34 -23.08
C1 GOL I . -22.72 5.96 5.87
O1 GOL I . -21.52 5.71 6.54
C2 GOL I . -22.33 6.63 4.52
O2 GOL I . -22.10 7.99 4.64
C3 GOL I . -23.48 6.27 3.53
O3 GOL I . -22.85 5.76 2.38
#